data_3ZUZ
#
_entry.id   3ZUZ
#
_cell.length_a   39.374
_cell.length_b   50.092
_cell.length_c   52.083
_cell.angle_alpha   110.46
_cell.angle_beta   98.85
_cell.angle_gamma   97.32
#
_symmetry.space_group_name_H-M   'P 1'
#
loop_
_entity.id
_entity.type
_entity.pdbx_description
1 polymer 'PROTEIN SHQ1'
2 non-polymer 'ISOPROPYL ALCOHOL'
3 water water
#
_entity_poly.entity_id   1
_entity_poly.type   'polypeptide(L)'
_entity_poly.pdbx_seq_one_letter_code
;GQMGEGFNWEIEQKMDSSTNNGILKTKYGFDNLYDTVISVSTSNGNDINELDDPEHTDANDRVIERLRKENLKFDPEYYV
SEYMTHKYGNEEDLEINGIKELLKFTPSIVKQYLQWYKDSTNPNLVMPIEFTDEEQKQMQDNLPKKSYLVEDIKPLYVTI
LSVLFSYVFEQIENEGTHTTESAWTMGKLCPQISFLDQQLKQVNELQDGMKEISKVNKDSSLIKIAIITGIRRALSYPLH
RNYDLAMKAWTFVYYILRGGKRLVIRALLDIHETFRFHDVYYVYDKVLLDDLTAWFISQGSENVIRSLALEMRKEQESLS
KQDIEFE(CME)IASFNEQTGEPEWETLNIREMEILAESEYREQQQNPQ
;
_entity_poly.pdbx_strand_id   A
#
# COMPACT_ATOMS: atom_id res chain seq x y z
N GLY A 22 -28.08 -12.56 4.72
CA GLY A 22 -26.73 -12.92 4.32
C GLY A 22 -26.67 -14.21 3.53
N ILE A 23 -27.52 -14.32 2.50
CA ILE A 23 -27.58 -15.53 1.68
C ILE A 23 -26.92 -15.40 0.31
N LEU A 24 -27.22 -14.32 -0.42
CA LEU A 24 -26.63 -14.10 -1.74
C LEU A 24 -25.13 -13.85 -1.58
N LYS A 25 -24.33 -14.38 -2.50
CA LYS A 25 -22.87 -14.21 -2.50
C LYS A 25 -22.54 -12.80 -2.99
N THR A 26 -21.54 -12.13 -2.36
CA THR A 26 -21.12 -10.77 -2.71
C THR A 26 -19.78 -10.86 -3.43
N LYS A 27 -19.77 -10.54 -4.75
CA LYS A 27 -18.57 -10.63 -5.58
C LYS A 27 -17.53 -9.57 -5.22
N TYR A 28 -16.28 -9.87 -5.55
CA TYR A 28 -15.15 -9.02 -5.21
C TYR A 28 -14.01 -9.12 -6.18
N GLY A 29 -12.93 -8.40 -5.85
CA GLY A 29 -11.72 -8.41 -6.66
C GLY A 29 -11.86 -7.54 -7.89
N PHE A 30 -11.04 -7.83 -8.91
CA PHE A 30 -11.00 -7.03 -10.11
C PHE A 30 -12.39 -7.01 -10.77
N ASP A 31 -12.92 -5.77 -10.99
CA ASP A 31 -14.24 -5.52 -11.61
C ASP A 31 -15.37 -6.36 -10.97
N ASN A 32 -15.19 -6.74 -9.68
CA ASN A 32 -16.13 -7.57 -8.90
C ASN A 32 -16.47 -8.86 -9.62
N LEU A 33 -15.48 -9.50 -10.25
CA LEU A 33 -15.71 -10.72 -11.03
C LEU A 33 -15.46 -12.03 -10.29
N TYR A 34 -14.92 -11.95 -9.07
CA TYR A 34 -14.52 -13.14 -8.34
C TYR A 34 -15.35 -13.46 -7.13
N ASP A 35 -15.26 -14.72 -6.70
CA ASP A 35 -15.95 -15.19 -5.51
C ASP A 35 -15.35 -16.54 -5.12
N THR A 36 -15.71 -17.01 -3.92
CA THR A 36 -15.38 -18.32 -3.32
C THR A 36 -13.91 -18.51 -2.95
N VAL A 37 -13.01 -18.09 -3.82
CA VAL A 37 -11.54 -18.21 -3.70
CA VAL A 37 -11.57 -18.31 -3.63
C VAL A 37 -11.04 -17.76 -2.32
N ILE A 38 -11.49 -16.56 -1.87
CA ILE A 38 -11.00 -16.03 -0.60
C ILE A 38 -11.40 -16.87 0.60
N SER A 39 -12.70 -17.25 0.72
CA SER A 39 -13.13 -18.14 1.82
C SER A 39 -12.37 -19.46 1.83
N VAL A 40 -12.14 -20.08 0.66
CA VAL A 40 -11.35 -21.32 0.55
C VAL A 40 -9.92 -21.07 1.05
N SER A 41 -9.34 -19.91 0.70
CA SER A 41 -7.97 -19.57 1.09
C SER A 41 -7.82 -19.42 2.63
N THR A 42 -8.85 -18.92 3.30
CA THR A 42 -8.83 -18.75 4.77
C THR A 42 -8.73 -20.08 5.50
N SER A 43 -9.17 -21.18 4.83
CA SER A 43 -9.03 -22.56 5.34
C SER A 43 -7.63 -23.13 5.04
N ASN A 44 -6.84 -22.44 4.18
CA ASN A 44 -5.49 -22.82 3.78
C ASN A 44 -4.42 -21.89 4.32
N GLY A 45 -4.74 -21.10 5.35
CA GLY A 45 -3.74 -20.27 6.01
C GLY A 45 -3.60 -18.85 5.51
N ASN A 46 -4.62 -18.34 4.79
CA ASN A 46 -4.58 -16.96 4.31
C ASN A 46 -4.81 -16.01 5.48
N ASP A 47 -3.73 -15.52 6.07
CA ASP A 47 -3.80 -14.57 7.18
C ASP A 47 -3.69 -13.11 6.76
N ILE A 48 -3.66 -12.86 5.43
CA ILE A 48 -3.76 -11.48 4.96
C ILE A 48 -5.23 -11.06 5.00
N ASN A 49 -6.17 -11.97 4.56
CA ASN A 49 -7.58 -11.60 4.59
C ASN A 49 -7.97 -11.19 6.00
N GLU A 50 -8.73 -10.11 6.12
CA GLU A 50 -9.16 -9.59 7.40
C GLU A 50 -10.69 -9.53 7.51
N LEU A 51 -11.40 -9.86 6.42
CA LEU A 51 -12.87 -9.88 6.42
C LEU A 51 -13.39 -11.12 7.16
N ASP A 52 -14.38 -10.92 8.03
CA ASP A 52 -14.98 -12.05 8.78
C ASP A 52 -15.73 -12.99 7.84
N ASP A 53 -16.43 -12.41 6.86
CA ASP A 53 -17.27 -13.16 5.95
C ASP A 53 -17.10 -12.60 4.53
N PRO A 54 -15.97 -12.89 3.85
CA PRO A 54 -15.74 -12.32 2.50
C PRO A 54 -16.77 -12.62 1.42
N GLU A 55 -17.45 -13.77 1.54
CA GLU A 55 -18.43 -14.17 0.53
C GLU A 55 -19.80 -13.55 0.72
N HIS A 56 -20.06 -12.91 1.88
CA HIS A 56 -21.36 -12.30 2.14
C HIS A 56 -21.21 -10.92 2.79
N THR A 57 -20.27 -10.10 2.32
CA THR A 57 -20.13 -8.75 2.85
C THR A 57 -20.15 -7.79 1.67
N ASP A 58 -21.17 -6.91 1.58
CA ASP A 58 -21.22 -5.97 0.47
C ASP A 58 -20.13 -4.89 0.60
N ALA A 59 -19.84 -4.19 -0.51
CA ALA A 59 -18.79 -3.17 -0.57
C ALA A 59 -18.86 -2.14 0.58
N ASN A 60 -20.06 -1.63 0.89
CA ASN A 60 -20.18 -0.64 1.96
C ASN A 60 -19.88 -1.22 3.33
N ASP A 61 -20.30 -2.48 3.55
CA ASP A 61 -20.04 -3.15 4.82
C ASP A 61 -18.54 -3.48 5.01
N ARG A 62 -17.81 -3.71 3.90
CA ARG A 62 -16.34 -3.93 3.95
C ARG A 62 -15.66 -2.69 4.50
N VAL A 63 -16.09 -1.48 4.07
CA VAL A 63 -15.53 -0.20 4.54
C VAL A 63 -15.82 -0.05 6.05
N ILE A 64 -17.08 -0.31 6.48
CA ILE A 64 -17.46 -0.20 7.89
C ILE A 64 -16.61 -1.12 8.77
N GLU A 65 -16.45 -2.40 8.36
CA GLU A 65 -15.68 -3.40 9.08
C GLU A 65 -14.19 -3.00 9.12
N ARG A 66 -13.63 -2.58 7.96
CA ARG A 66 -12.21 -2.18 7.90
C ARG A 66 -11.91 -1.06 8.88
N LEU A 67 -12.73 0.00 8.85
CA LEU A 67 -12.54 1.15 9.73
C LEU A 67 -12.61 0.77 11.19
N ARG A 68 -13.56 -0.10 11.56
CA ARG A 68 -13.66 -0.55 12.95
C ARG A 68 -12.43 -1.37 13.35
N LYS A 69 -11.99 -2.27 12.47
CA LYS A 69 -10.87 -3.13 12.75
C LYS A 69 -9.54 -2.39 12.78
N GLU A 70 -9.39 -1.33 11.96
CA GLU A 70 -8.15 -0.55 11.96
C GLU A 70 -7.99 0.19 13.29
N ASN A 71 -9.10 0.77 13.78
CA ASN A 71 -9.13 1.46 15.08
C ASN A 71 -8.84 0.47 16.20
N LEU A 72 -9.32 -0.79 16.09
CA LEU A 72 -9.03 -1.82 17.10
C LEU A 72 -7.57 -2.27 17.02
N LYS A 73 -7.03 -2.38 15.79
CA LYS A 73 -5.67 -2.86 15.54
C LYS A 73 -4.62 -1.88 16.00
N PHE A 74 -4.85 -0.58 15.74
CA PHE A 74 -3.88 0.43 16.13
C PHE A 74 -3.49 0.27 17.60
N ASP A 75 -2.18 0.31 17.86
CA ASP A 75 -1.62 0.18 19.20
C ASP A 75 -0.85 1.48 19.52
N PRO A 76 -1.45 2.40 20.33
CA PRO A 76 -0.77 3.68 20.63
C PRO A 76 0.56 3.52 21.33
N GLU A 77 0.67 2.54 22.25
CA GLU A 77 1.92 2.29 22.95
C GLU A 77 3.03 1.92 21.98
N TYR A 78 2.74 1.02 21.02
CA TYR A 78 3.69 0.58 20.00
C TYR A 78 4.03 1.81 19.13
N TYR A 79 3.03 2.58 18.69
CA TYR A 79 3.26 3.75 17.85
C TYR A 79 4.20 4.76 18.52
N VAL A 80 3.86 5.15 19.76
CA VAL A 80 4.71 6.12 20.48
C VAL A 80 6.07 5.55 20.83
N SER A 81 6.17 4.24 21.12
CA SER A 81 7.47 3.61 21.35
C SER A 81 8.39 3.73 20.14
N GLU A 82 7.86 3.50 18.92
CA GLU A 82 8.62 3.64 17.68
C GLU A 82 9.11 5.06 17.49
N TYR A 83 8.22 6.03 17.75
CA TYR A 83 8.51 7.46 17.65
C TYR A 83 9.65 7.82 18.60
N MET A 84 9.54 7.36 19.87
CA MET A 84 10.54 7.61 20.93
C MET A 84 11.84 6.93 20.62
N THR A 85 11.82 5.72 20.07
CA THR A 85 13.07 5.10 19.67
C THR A 85 13.77 5.96 18.60
N HIS A 86 13.01 6.40 17.57
CA HIS A 86 13.60 7.18 16.49
C HIS A 86 14.18 8.53 16.96
N LYS A 87 13.43 9.24 17.81
CA LYS A 87 13.82 10.57 18.25
C LYS A 87 14.82 10.56 19.40
N TYR A 88 14.65 9.64 20.37
CA TYR A 88 15.46 9.60 21.61
C TYR A 88 16.23 8.30 21.92
N GLY A 89 16.10 7.27 21.08
CA GLY A 89 16.80 6.02 21.36
C GLY A 89 18.31 6.15 21.36
N ASN A 90 18.98 5.31 22.17
CA ASN A 90 20.44 5.25 22.19
C ASN A 90 20.89 4.43 20.96
N GLU A 91 22.21 4.28 20.75
CA GLU A 91 22.74 3.55 19.60
C GLU A 91 22.27 2.11 19.47
N GLU A 92 22.23 1.36 20.59
CA GLU A 92 21.76 -0.03 20.58
C GLU A 92 20.28 -0.11 20.21
N ASP A 93 19.43 0.75 20.82
CA ASP A 93 17.97 0.79 20.52
C ASP A 93 17.78 1.04 19.04
N LEU A 94 18.51 2.01 18.48
CA LEU A 94 18.41 2.35 17.06
C LEU A 94 18.98 1.26 16.17
N GLU A 95 20.03 0.55 16.62
CA GLU A 95 20.62 -0.50 15.79
C GLU A 95 19.67 -1.66 15.57
N ILE A 96 19.06 -2.15 16.66
CA ILE A 96 18.15 -3.29 16.56
C ILE A 96 16.85 -2.89 15.84
N ASN A 97 16.40 -1.65 16.04
CA ASN A 97 15.15 -1.16 15.41
C ASN A 97 15.32 -1.00 13.89
N GLY A 98 16.38 -0.31 13.47
CA GLY A 98 16.69 -0.13 12.06
C GLY A 98 16.07 1.07 11.38
N ILE A 99 15.16 1.82 12.07
CA ILE A 99 14.45 2.99 11.47
C ILE A 99 15.37 3.97 10.68
N LYS A 100 16.51 4.38 11.27
CA LYS A 100 17.39 5.32 10.55
C LYS A 100 17.97 4.75 9.27
N GLU A 101 18.20 3.44 9.24
CA GLU A 101 18.71 2.77 8.04
C GLU A 101 17.60 2.73 6.98
N LEU A 102 16.39 2.39 7.40
CA LEU A 102 15.26 2.36 6.48
C LEU A 102 15.02 3.72 5.85
N LEU A 103 15.09 4.79 6.66
CA LEU A 103 14.87 6.15 6.16
C LEU A 103 15.92 6.67 5.17
N LYS A 104 17.08 5.99 5.03
CA LYS A 104 18.14 6.36 4.09
C LYS A 104 18.03 5.55 2.80
N PHE A 105 17.13 4.56 2.75
CA PHE A 105 17.06 3.65 1.62
C PHE A 105 16.25 4.19 0.43
N THR A 106 16.75 3.95 -0.78
CA THR A 106 16.01 4.31 -2.01
C THR A 106 15.76 3.05 -2.81
N PRO A 107 14.48 2.66 -3.02
CA PRO A 107 14.18 1.47 -3.82
C PRO A 107 14.82 1.53 -5.21
N SER A 108 15.19 0.37 -5.75
CA SER A 108 15.82 0.27 -7.07
CA SER A 108 15.81 0.25 -7.07
C SER A 108 15.00 0.92 -8.16
N ILE A 109 13.66 0.79 -8.12
CA ILE A 109 12.81 1.39 -9.15
C ILE A 109 12.91 2.91 -9.14
N VAL A 110 13.02 3.49 -7.95
CA VAL A 110 13.16 4.93 -7.80
C VAL A 110 14.53 5.39 -8.30
N LYS A 111 15.59 4.66 -7.94
CA LYS A 111 16.95 4.94 -8.41
C LYS A 111 16.98 4.95 -9.95
N GLN A 112 16.22 4.02 -10.60
CA GLN A 112 16.14 3.95 -12.07
C GLN A 112 15.53 5.20 -12.63
N TYR A 113 14.43 5.71 -12.02
CA TYR A 113 13.79 6.95 -12.45
C TYR A 113 14.77 8.12 -12.30
N LEU A 114 15.35 8.27 -11.08
CA LEU A 114 16.25 9.39 -10.78
C LEU A 114 17.47 9.40 -11.66
N GLN A 115 17.98 8.22 -12.04
CA GLN A 115 19.15 8.13 -12.95
C GLN A 115 18.80 8.62 -14.36
N TRP A 116 17.57 8.33 -14.83
CA TRP A 116 17.10 8.78 -16.13
C TRP A 116 16.81 10.28 -16.07
N TYR A 117 16.03 10.71 -15.05
CA TYR A 117 15.59 12.10 -14.85
C TYR A 117 16.71 13.12 -14.83
N LYS A 118 17.79 12.85 -14.06
CA LYS A 118 18.93 13.79 -13.92
C LYS A 118 19.52 14.24 -15.26
N ASP A 119 19.42 13.37 -16.30
CA ASP A 119 19.98 13.60 -17.65
C ASP A 119 18.95 13.87 -18.74
N SER A 120 17.64 13.85 -18.40
CA SER A 120 16.57 14.09 -19.37
C SER A 120 16.57 15.50 -19.95
N THR A 121 16.49 15.61 -21.30
CA THR A 121 16.41 16.90 -21.99
C THR A 121 14.95 17.41 -22.06
N ASN A 122 13.96 16.50 -21.90
CA ASN A 122 12.53 16.86 -21.91
C ASN A 122 11.90 16.20 -20.66
N PRO A 123 12.07 16.84 -19.48
CA PRO A 123 11.64 16.20 -18.21
C PRO A 123 10.15 15.99 -17.99
N ASN A 124 9.29 16.58 -18.83
CA ASN A 124 7.84 16.38 -18.67
C ASN A 124 7.42 15.06 -19.35
N LEU A 125 8.29 14.44 -20.15
CA LEU A 125 7.95 13.24 -20.87
C LEU A 125 7.98 12.01 -19.98
N VAL A 126 7.61 10.85 -20.54
CA VAL A 126 7.61 9.63 -19.75
C VAL A 126 8.97 8.96 -19.89
N MET A 127 9.36 8.24 -18.84
CA MET A 127 10.63 7.55 -18.82
C MET A 127 10.61 6.36 -19.79
N PRO A 128 11.59 6.23 -20.72
CA PRO A 128 11.62 5.06 -21.60
C PRO A 128 11.98 3.82 -20.79
N ILE A 129 11.36 2.67 -21.09
CA ILE A 129 11.61 1.42 -20.39
C ILE A 129 11.76 0.28 -21.37
N GLU A 130 12.85 -0.48 -21.23
CA GLU A 130 13.07 -1.70 -21.98
C GLU A 130 12.82 -2.81 -20.96
N PHE A 131 11.73 -3.59 -21.14
CA PHE A 131 11.45 -4.67 -20.20
C PHE A 131 12.56 -5.73 -20.28
N THR A 132 13.02 -6.23 -19.12
CA THR A 132 14.06 -7.25 -19.07
C THR A 132 13.52 -8.57 -19.65
N ASP A 133 14.41 -9.52 -20.04
CA ASP A 133 13.96 -10.82 -20.53
C ASP A 133 13.04 -11.48 -19.49
N GLU A 134 13.42 -11.37 -18.18
CA GLU A 134 12.65 -11.91 -17.05
C GLU A 134 11.23 -11.30 -16.99
N GLU A 135 11.11 -9.96 -17.18
CA GLU A 135 9.80 -9.30 -17.18
C GLU A 135 8.96 -9.70 -18.39
N GLN A 136 9.60 -9.84 -19.56
CA GLN A 136 8.90 -10.28 -20.77
C GLN A 136 8.34 -11.70 -20.61
N LYS A 137 9.16 -12.63 -20.07
CA LYS A 137 8.73 -14.00 -19.79
C LYS A 137 7.60 -14.01 -18.78
N GLN A 138 7.69 -13.13 -17.74
CA GLN A 138 6.62 -13.05 -16.76
C GLN A 138 5.29 -12.64 -17.41
N MET A 139 5.31 -11.60 -18.27
CA MET A 139 4.11 -11.11 -18.93
C MET A 139 3.55 -12.15 -19.90
N GLN A 140 4.43 -12.87 -20.61
CA GLN A 140 4.02 -13.91 -21.57
C GLN A 140 3.44 -15.15 -20.89
N ASP A 141 4.07 -15.61 -19.80
CA ASP A 141 3.72 -16.86 -19.12
C ASP A 141 2.74 -16.78 -17.97
N ASN A 142 2.69 -15.65 -17.26
CA ASN A 142 1.86 -15.59 -16.06
C ASN A 142 0.61 -14.72 -16.12
N LEU A 143 0.50 -13.82 -17.10
CA LEU A 143 -0.65 -12.95 -17.13
C LEU A 143 -1.75 -13.40 -18.06
N PRO A 144 -3.03 -13.10 -17.70
CA PRO A 144 -4.13 -13.46 -18.63
C PRO A 144 -3.97 -12.78 -19.98
N LYS A 145 -4.47 -13.44 -21.03
CA LYS A 145 -4.34 -12.92 -22.38
C LYS A 145 -5.59 -12.28 -22.95
N LYS A 146 -6.67 -12.34 -22.17
CA LYS A 146 -7.97 -11.79 -22.53
C LYS A 146 -7.96 -10.25 -22.69
N SER A 147 -8.90 -9.73 -23.50
CA SER A 147 -9.05 -8.29 -23.69
CA SER A 147 -9.07 -8.29 -23.70
C SER A 147 -10.01 -7.77 -22.63
N TYR A 148 -9.90 -6.48 -22.29
CA TYR A 148 -10.73 -5.87 -21.24
C TYR A 148 -11.59 -4.76 -21.75
N LEU A 149 -12.83 -4.69 -21.24
CA LEU A 149 -13.82 -3.64 -21.53
C LEU A 149 -14.42 -3.20 -20.19
N VAL A 150 -13.60 -2.56 -19.34
CA VAL A 150 -14.02 -2.10 -18.02
C VAL A 150 -14.45 -0.65 -18.15
N GLU A 151 -15.66 -0.34 -17.73
CA GLU A 151 -16.10 1.05 -17.80
C GLU A 151 -15.70 1.83 -16.53
N ASP A 152 -15.82 1.20 -15.33
CA ASP A 152 -15.51 1.87 -14.08
C ASP A 152 -14.02 1.71 -13.73
N ILE A 153 -13.21 2.58 -14.30
CA ILE A 153 -11.74 2.56 -14.15
C ILE A 153 -11.18 3.29 -12.92
N LYS A 154 -11.93 4.25 -12.34
CA LYS A 154 -11.43 5.00 -11.20
CA LYS A 154 -11.47 5.02 -11.19
C LYS A 154 -11.04 4.10 -10.01
N PRO A 155 -11.83 3.07 -9.60
CA PRO A 155 -11.36 2.23 -8.49
C PRO A 155 -10.07 1.48 -8.80
N LEU A 156 -9.82 1.17 -10.10
CA LEU A 156 -8.61 0.48 -10.55
C LEU A 156 -7.40 1.37 -10.43
N TYR A 157 -7.52 2.65 -10.80
CA TYR A 157 -6.37 3.55 -10.65
C TYR A 157 -6.08 3.81 -9.17
N VAL A 158 -7.14 3.89 -8.34
CA VAL A 158 -6.98 4.04 -6.87
C VAL A 158 -6.33 2.74 -6.33
N THR A 159 -6.72 1.54 -6.87
CA THR A 159 -6.07 0.31 -6.43
C THR A 159 -4.55 0.38 -6.78
N ILE A 160 -4.21 0.87 -8.00
CA ILE A 160 -2.79 1.01 -8.36
C ILE A 160 -2.07 1.92 -7.38
N LEU A 161 -2.66 3.06 -7.02
CA LEU A 161 -2.07 3.98 -6.05
C LEU A 161 -1.81 3.30 -4.69
N SER A 162 -2.79 2.57 -4.20
CA SER A 162 -2.67 1.89 -2.89
C SER A 162 -1.68 0.76 -2.93
N VAL A 163 -1.65 -0.02 -4.06
CA VAL A 163 -0.73 -1.14 -4.09
CA VAL A 163 -0.72 -1.16 -4.17
C VAL A 163 0.70 -0.67 -4.33
N LEU A 164 0.87 0.47 -5.05
CA LEU A 164 2.23 0.99 -5.18
C LEU A 164 2.75 1.41 -3.80
N PHE A 165 1.91 2.01 -2.95
CA PHE A 165 2.31 2.37 -1.60
C PHE A 165 2.77 1.13 -0.83
N SER A 166 1.95 0.05 -0.87
CA SER A 166 2.31 -1.22 -0.19
CA SER A 166 2.36 -1.13 -0.11
C SER A 166 3.65 -1.73 -0.66
N TYR A 167 3.84 -1.72 -1.99
CA TYR A 167 5.06 -2.23 -2.63
C TYR A 167 6.27 -1.41 -2.21
N VAL A 168 6.16 -0.08 -2.27
CA VAL A 168 7.29 0.78 -1.92
C VAL A 168 7.67 0.65 -0.44
N PHE A 169 6.65 0.61 0.41
CA PHE A 169 6.84 0.47 1.88
C PHE A 169 7.63 -0.82 2.12
N GLU A 170 7.20 -1.92 1.48
CA GLU A 170 7.90 -3.21 1.66
C GLU A 170 9.34 -3.14 1.12
N GLN A 171 9.57 -2.50 -0.03
CA GLN A 171 10.92 -2.32 -0.58
C GLN A 171 11.78 -1.59 0.45
N ILE A 172 11.25 -0.54 1.08
CA ILE A 172 12.00 0.19 2.11
C ILE A 172 12.24 -0.66 3.33
N GLU A 173 11.19 -1.28 3.87
CA GLU A 173 11.28 -2.03 5.13
C GLU A 173 12.30 -3.13 5.10
N ASN A 174 12.44 -3.76 3.92
CA ASN A 174 13.39 -4.85 3.76
C ASN A 174 14.63 -4.46 2.97
N GLU A 175 14.85 -3.14 2.75
CA GLU A 175 15.99 -2.62 1.99
C GLU A 175 16.18 -3.36 0.65
N GLY A 176 15.08 -3.56 -0.06
CA GLY A 176 15.08 -4.20 -1.37
C GLY A 176 15.28 -5.70 -1.45
N THR A 177 15.30 -6.42 -0.31
CA THR A 177 15.46 -7.87 -0.31
C THR A 177 14.13 -8.56 -0.12
N HIS A 178 13.86 -9.61 -0.90
CA HIS A 178 12.66 -10.44 -0.75
C HIS A 178 12.79 -11.23 0.56
N THR A 179 11.74 -11.21 1.41
CA THR A 179 11.77 -11.98 2.66
C THR A 179 10.50 -12.81 2.75
N THR A 180 10.41 -13.61 3.83
CA THR A 180 9.24 -14.42 4.16
C THR A 180 8.05 -13.51 4.53
N GLU A 181 8.30 -12.21 4.82
CA GLU A 181 7.23 -11.28 5.22
C GLU A 181 6.80 -10.32 4.12
N SER A 182 7.49 -10.37 2.96
CA SER A 182 7.24 -9.40 1.88
C SER A 182 5.80 -9.33 1.42
N ALA A 183 5.21 -10.46 1.01
CA ALA A 183 3.83 -10.47 0.53
C ALA A 183 2.82 -10.11 1.62
N TRP A 184 3.07 -10.60 2.85
CA TRP A 184 2.18 -10.25 3.96
C TRP A 184 2.15 -8.74 4.20
N THR A 185 3.31 -8.09 4.22
CA THR A 185 3.39 -6.66 4.49
C THR A 185 2.61 -5.90 3.42
N MET A 186 2.83 -6.27 2.15
CA MET A 186 2.15 -5.57 1.07
C MET A 186 0.64 -5.80 1.18
N GLY A 187 0.22 -7.05 1.44
CA GLY A 187 -1.21 -7.31 1.56
C GLY A 187 -1.87 -6.53 2.70
N LYS A 188 -1.18 -6.49 3.87
CA LYS A 188 -1.72 -5.78 5.02
C LYS A 188 -1.85 -4.30 4.79
N LEU A 189 -0.94 -3.69 4.00
CA LEU A 189 -1.01 -2.23 3.83
C LEU A 189 -1.99 -1.79 2.74
N CYS A 190 -2.52 -2.77 1.99
CA CYS A 190 -3.39 -2.50 0.87
C CYS A 190 -4.84 -2.83 1.22
N PRO A 191 -5.74 -1.83 1.37
CA PRO A 191 -7.14 -2.15 1.74
C PRO A 191 -7.88 -3.00 0.70
N GLN A 192 -7.46 -2.90 -0.59
CA GLN A 192 -8.06 -3.65 -1.69
C GLN A 192 -7.76 -5.15 -1.62
N ILE A 193 -6.70 -5.49 -0.83
CA ILE A 193 -6.29 -6.87 -0.61
C ILE A 193 -6.82 -7.34 0.76
N SER A 194 -6.36 -6.76 1.88
CA SER A 194 -6.78 -7.20 3.23
CA SER A 194 -6.79 -7.20 3.21
C SER A 194 -8.31 -7.23 3.37
N PHE A 195 -9.00 -6.18 2.91
CA PHE A 195 -10.46 -6.07 3.05
C PHE A 195 -11.21 -6.10 1.74
N LEU A 196 -10.56 -6.46 0.61
CA LEU A 196 -11.24 -6.48 -0.69
C LEU A 196 -12.03 -5.18 -0.91
N ASP A 197 -11.47 -4.05 -0.38
CA ASP A 197 -12.17 -2.79 -0.40
C ASP A 197 -11.59 -1.79 -1.37
N GLN A 198 -12.27 -1.62 -2.51
CA GLN A 198 -11.88 -0.68 -3.56
C GLN A 198 -12.64 0.62 -3.43
N GLN A 199 -13.68 0.63 -2.56
CA GLN A 199 -14.57 1.78 -2.34
C GLN A 199 -13.97 2.81 -1.40
N LEU A 200 -13.38 2.36 -0.28
CA LEU A 200 -12.68 3.16 0.73
C LEU A 200 -13.53 4.13 1.53
N LYS A 201 -14.53 4.74 0.88
CA LYS A 201 -15.43 5.74 1.46
C LYS A 201 -16.79 5.10 1.68
N GLN A 202 -17.34 5.30 2.88
CA GLN A 202 -18.62 4.78 3.32
C GLN A 202 -19.75 5.75 2.95
N SER A 220 -13.10 14.68 1.78
CA SER A 220 -11.86 14.60 1.03
C SER A 220 -11.99 13.73 -0.20
N SER A 221 -11.10 13.95 -1.20
CA SER A 221 -11.10 13.16 -2.43
C SER A 221 -10.76 11.69 -2.13
N LEU A 222 -11.12 10.78 -3.04
CA LEU A 222 -10.80 9.35 -2.92
C LEU A 222 -9.27 9.17 -2.81
N ILE A 223 -8.52 9.97 -3.57
CA ILE A 223 -7.05 9.95 -3.53
CA ILE A 223 -7.05 9.92 -3.53
C ILE A 223 -6.55 10.25 -2.11
N LYS A 224 -7.04 11.35 -1.50
CA LYS A 224 -6.65 11.71 -0.16
C LYS A 224 -6.99 10.59 0.84
N ILE A 225 -8.21 10.00 0.72
CA ILE A 225 -8.61 8.91 1.59
C ILE A 225 -7.64 7.71 1.41
N ALA A 226 -7.27 7.43 0.15
CA ALA A 226 -6.32 6.32 -0.08
C ALA A 226 -4.94 6.56 0.58
N ILE A 227 -4.47 7.82 0.58
CA ILE A 227 -3.19 8.20 1.19
C ILE A 227 -3.31 8.06 2.73
N ILE A 228 -4.38 8.64 3.35
CA ILE A 228 -4.62 8.51 4.79
C ILE A 228 -4.74 7.04 5.19
N THR A 229 -5.48 6.21 4.38
CA THR A 229 -5.64 4.79 4.68
C THR A 229 -4.28 4.06 4.70
N GLY A 230 -3.44 4.33 3.70
CA GLY A 230 -2.08 3.77 3.62
C GLY A 230 -1.28 4.10 4.87
N ILE A 231 -1.38 5.39 5.30
CA ILE A 231 -0.67 5.81 6.50
C ILE A 231 -1.23 5.13 7.75
N ARG A 232 -2.57 5.10 7.90
CA ARG A 232 -3.14 4.47 9.11
C ARG A 232 -2.79 2.99 9.20
N ARG A 233 -2.79 2.28 8.05
CA ARG A 233 -2.47 0.86 8.07
C ARG A 233 -0.96 0.65 8.32
N ALA A 234 -0.11 1.52 7.75
CA ALA A 234 1.33 1.44 7.99
C ALA A 234 1.66 1.75 9.49
N LEU A 235 0.74 2.41 10.20
CA LEU A 235 0.94 2.74 11.61
C LEU A 235 0.33 1.68 12.53
N SER A 236 -0.35 0.68 11.95
CA SER A 236 -1.07 -0.32 12.74
C SER A 236 -0.64 -1.76 12.54
N TYR A 237 -0.15 -2.09 11.36
CA TYR A 237 0.16 -3.49 11.02
C TYR A 237 1.64 -3.94 10.95
N PRO A 238 2.54 -3.19 10.27
CA PRO A 238 3.87 -3.71 10.01
C PRO A 238 4.79 -3.69 11.21
N LEU A 239 6.01 -4.19 11.03
CA LEU A 239 7.01 -4.24 12.11
C LEU A 239 7.45 -2.84 12.52
N HIS A 240 7.70 -1.99 11.53
CA HIS A 240 8.10 -0.61 11.80
C HIS A 240 6.88 0.28 11.56
N ARG A 241 6.48 1.03 12.60
CA ARG A 241 5.30 1.90 12.56
C ARG A 241 5.75 3.32 12.81
N ASN A 242 5.94 4.06 11.73
CA ASN A 242 6.54 5.38 11.80
C ASN A 242 5.95 6.25 10.68
N TYR A 243 5.42 7.42 11.06
CA TYR A 243 4.79 8.33 10.11
C TYR A 243 5.75 8.82 9.01
N ASP A 244 7.00 9.18 9.37
CA ASP A 244 7.98 9.63 8.40
C ASP A 244 8.28 8.53 7.38
N LEU A 245 8.30 7.27 7.83
CA LEU A 245 8.52 6.11 6.96
C LEU A 245 7.35 5.99 5.98
N ALA A 246 6.12 6.06 6.50
CA ALA A 246 4.92 6.04 5.65
C ALA A 246 4.93 7.17 4.62
N MET A 247 5.24 8.41 5.06
CA MET A 247 5.34 9.52 4.10
C MET A 247 6.48 9.36 3.07
N LYS A 248 7.66 8.81 3.49
CA LYS A 248 8.76 8.54 2.56
C LYS A 248 8.26 7.57 1.44
N ALA A 249 7.45 6.58 1.85
CA ALA A 249 6.92 5.64 0.85
C ALA A 249 5.98 6.35 -0.13
N TRP A 250 5.10 7.22 0.38
CA TRP A 250 4.19 7.95 -0.51
C TRP A 250 4.98 8.87 -1.46
N THR A 251 6.10 9.48 -0.97
CA THR A 251 6.94 10.31 -1.85
C THR A 251 7.53 9.49 -2.98
N PHE A 252 7.96 8.26 -2.69
CA PHE A 252 8.48 7.41 -3.70
C PHE A 252 7.39 6.99 -4.71
N VAL A 253 6.14 6.77 -4.23
CA VAL A 253 5.01 6.46 -5.14
C VAL A 253 4.87 7.58 -6.17
N TYR A 254 4.91 8.84 -5.69
CA TYR A 254 4.82 10.00 -6.59
C TYR A 254 5.84 9.87 -7.73
N TYR A 255 7.14 9.62 -7.41
CA TYR A 255 8.14 9.49 -8.48
C TYR A 255 7.95 8.32 -9.40
N ILE A 256 7.43 7.18 -8.91
CA ILE A 256 7.19 6.01 -9.77
C ILE A 256 6.08 6.41 -10.78
N LEU A 257 5.02 7.05 -10.25
CA LEU A 257 3.90 7.52 -11.12
C LEU A 257 4.39 8.49 -12.17
N ARG A 258 5.27 9.44 -11.76
CA ARG A 258 5.89 10.39 -12.69
C ARG A 258 6.65 9.68 -13.83
N GLY A 259 7.28 8.53 -13.53
CA GLY A 259 7.99 7.75 -14.55
C GLY A 259 7.08 7.32 -15.68
N GLY A 260 5.82 7.09 -15.35
CA GLY A 260 4.83 6.76 -16.35
C GLY A 260 4.36 5.33 -16.37
N LYS A 261 3.53 5.02 -17.35
CA LYS A 261 2.89 3.72 -17.47
C LYS A 261 3.87 2.53 -17.37
N ARG A 262 4.96 2.52 -18.18
CA ARG A 262 5.88 1.39 -18.22
C ARG A 262 6.66 1.23 -16.91
N LEU A 263 6.99 2.37 -16.23
CA LEU A 263 7.66 2.25 -14.93
C LEU A 263 6.68 1.66 -13.91
N VAL A 264 5.39 2.06 -13.97
CA VAL A 264 4.34 1.50 -13.11
C VAL A 264 4.20 -0.01 -13.43
N ILE A 265 4.26 -0.40 -14.72
CA ILE A 265 4.22 -1.84 -15.05
C ILE A 265 5.36 -2.60 -14.38
N ARG A 266 6.60 -2.05 -14.44
CA ARG A 266 7.71 -2.69 -13.77
C ARG A 266 7.37 -2.93 -12.27
N ALA A 267 6.78 -1.94 -11.58
CA ALA A 267 6.42 -2.13 -10.18
C ALA A 267 5.32 -3.18 -10.00
N LEU A 268 4.26 -3.12 -10.83
CA LEU A 268 3.17 -4.08 -10.77
C LEU A 268 3.70 -5.51 -11.03
N LEU A 269 4.64 -5.68 -11.98
CA LEU A 269 5.18 -7.03 -12.25
C LEU A 269 5.96 -7.57 -11.05
N ASP A 270 6.70 -6.69 -10.35
CA ASP A 270 7.46 -7.08 -9.14
C ASP A 270 6.46 -7.55 -8.07
N ILE A 271 5.39 -6.75 -7.78
CA ILE A 271 4.34 -7.08 -6.81
C ILE A 271 3.68 -8.42 -7.17
N HIS A 272 3.30 -8.55 -8.47
CA HIS A 272 2.62 -9.73 -8.95
C HIS A 272 3.49 -11.00 -8.73
N GLU A 273 4.79 -10.91 -8.99
CA GLU A 273 5.74 -12.01 -8.85
C GLU A 273 5.85 -12.39 -7.39
N THR A 274 5.92 -11.39 -6.50
CA THR A 274 6.01 -11.72 -5.06
C THR A 274 4.81 -12.57 -4.59
N PHE A 275 3.58 -12.22 -5.01
CA PHE A 275 2.42 -12.99 -4.66
C PHE A 275 2.35 -14.31 -5.42
N ARG A 276 2.76 -14.32 -6.70
CA ARG A 276 2.60 -15.47 -7.59
C ARG A 276 3.11 -16.77 -7.02
N PHE A 277 4.32 -16.75 -6.47
CA PHE A 277 4.96 -17.94 -5.97
C PHE A 277 4.84 -18.18 -4.48
N HIS A 278 3.93 -17.45 -3.82
CA HIS A 278 3.62 -17.70 -2.43
C HIS A 278 2.58 -18.83 -2.40
N ASP A 279 2.84 -19.90 -1.61
CA ASP A 279 1.94 -21.06 -1.54
C ASP A 279 0.51 -20.74 -1.05
N VAL A 280 0.32 -19.57 -0.41
CA VAL A 280 -1.03 -19.22 0.10
C VAL A 280 -1.57 -17.92 -0.55
N TYR A 281 -0.73 -16.90 -0.60
CA TYR A 281 -1.20 -15.57 -1.00
C TYR A 281 -1.38 -15.38 -2.48
N TYR A 282 -1.03 -16.39 -3.30
CA TYR A 282 -1.20 -16.26 -4.75
C TYR A 282 -2.64 -15.94 -5.13
N VAL A 283 -3.59 -16.22 -4.21
CA VAL A 283 -5.01 -15.95 -4.43
CA VAL A 283 -5.00 -15.97 -4.45
C VAL A 283 -5.25 -14.47 -4.75
N TYR A 284 -4.34 -13.58 -4.28
CA TYR A 284 -4.51 -12.15 -4.60
C TYR A 284 -4.10 -11.81 -6.00
N ASP A 285 -3.28 -12.66 -6.63
CA ASP A 285 -3.00 -12.54 -8.05
C ASP A 285 -4.26 -13.03 -8.77
N LYS A 286 -4.81 -14.19 -8.36
CA LYS A 286 -6.00 -14.73 -9.04
C LYS A 286 -7.15 -13.72 -9.05
N VAL A 287 -7.49 -13.14 -7.88
CA VAL A 287 -8.66 -12.27 -7.74
C VAL A 287 -8.44 -10.81 -8.06
N LEU A 288 -7.21 -10.33 -8.09
CA LEU A 288 -7.03 -8.90 -8.31
C LEU A 288 -5.86 -8.55 -9.20
N LEU A 289 -4.65 -8.99 -8.84
CA LEU A 289 -3.43 -8.55 -9.53
C LEU A 289 -3.20 -9.11 -10.93
N ASP A 290 -3.69 -10.31 -11.24
CA ASP A 290 -3.55 -10.84 -12.60
C ASP A 290 -4.23 -9.84 -13.55
N ASP A 291 -5.52 -9.58 -13.30
CA ASP A 291 -6.29 -8.69 -14.17
C ASP A 291 -5.85 -7.24 -14.05
N LEU A 292 -5.53 -6.77 -12.82
CA LEU A 292 -5.09 -5.37 -12.70
C LEU A 292 -3.88 -5.09 -13.58
N THR A 293 -2.91 -6.02 -13.59
CA THR A 293 -1.68 -5.88 -14.34
C THR A 293 -1.96 -6.02 -15.84
N ALA A 294 -2.71 -7.05 -16.26
CA ALA A 294 -3.02 -7.24 -17.70
C ALA A 294 -3.89 -6.10 -18.25
N TRP A 295 -4.87 -5.65 -17.45
CA TRP A 295 -5.74 -4.53 -17.87
C TRP A 295 -4.88 -3.26 -17.95
N PHE A 296 -4.04 -3.01 -16.95
CA PHE A 296 -3.24 -1.79 -17.00
C PHE A 296 -2.29 -1.78 -18.20
N ILE A 297 -1.65 -2.92 -18.52
CA ILE A 297 -0.75 -3.02 -19.65
C ILE A 297 -1.50 -2.65 -20.96
N SER A 298 -2.69 -3.22 -21.15
CA SER A 298 -3.42 -3.01 -22.42
C SER A 298 -4.23 -1.74 -22.48
N GLN A 299 -4.74 -1.26 -21.34
CA GLN A 299 -5.66 -0.13 -21.27
C GLN A 299 -5.22 1.07 -20.43
N GLY A 300 -4.12 0.96 -19.69
CA GLY A 300 -3.65 2.07 -18.86
C GLY A 300 -3.43 3.35 -19.67
N SER A 301 -3.74 4.52 -19.09
CA SER A 301 -3.61 5.82 -19.76
C SER A 301 -2.45 6.62 -19.14
N GLU A 302 -1.54 7.11 -20.00
CA GLU A 302 -0.44 7.99 -19.57
C GLU A 302 -0.97 9.28 -18.95
N ASN A 303 -2.03 9.90 -19.55
CA ASN A 303 -2.60 11.10 -18.94
C ASN A 303 -3.11 10.82 -17.53
N VAL A 304 -3.89 9.72 -17.36
CA VAL A 304 -4.47 9.44 -16.03
C VAL A 304 -3.34 9.24 -15.01
N ILE A 305 -2.31 8.51 -15.39
CA ILE A 305 -1.17 8.25 -14.49
C ILE A 305 -0.44 9.59 -14.14
N ARG A 306 -0.19 10.45 -15.13
CA ARG A 306 0.45 11.74 -14.82
C ARG A 306 -0.43 12.62 -13.92
N SER A 307 -1.77 12.72 -14.21
CA SER A 307 -2.64 13.51 -13.37
CA SER A 307 -2.68 13.50 -13.37
C SER A 307 -2.70 12.90 -11.96
N LEU A 308 -2.68 11.55 -11.88
CA LEU A 308 -2.69 10.85 -10.59
C LEU A 308 -1.39 11.19 -9.81
N ALA A 309 -0.24 11.24 -10.47
CA ALA A 309 1.02 11.61 -9.80
C ALA A 309 0.90 13.03 -9.19
N LEU A 310 0.42 13.98 -10.01
CA LEU A 310 0.29 15.35 -9.50
C LEU A 310 -0.76 15.53 -8.42
N GLU A 311 -1.94 14.84 -8.56
CA GLU A 311 -3.01 14.93 -7.59
C GLU A 311 -2.63 14.28 -6.26
N MET A 312 -2.06 13.08 -6.32
CA MET A 312 -1.64 12.43 -5.08
C MET A 312 -0.59 13.27 -4.32
N ARG A 313 0.33 13.93 -5.06
CA ARG A 313 1.36 14.74 -4.42
C ARG A 313 0.76 15.94 -3.71
N LYS A 314 -0.24 16.57 -4.39
CA LYS A 314 -0.99 17.70 -3.80
C LYS A 314 -1.67 17.24 -2.54
N GLU A 315 -2.38 16.08 -2.59
CA GLU A 315 -3.10 15.58 -1.43
C GLU A 315 -2.14 15.21 -0.31
N GLN A 316 -1.01 14.57 -0.66
CA GLN A 316 -0.02 14.18 0.35
C GLN A 316 0.54 15.40 1.06
N GLU A 317 0.88 16.44 0.28
CA GLU A 317 1.45 17.67 0.80
C GLU A 317 0.50 18.44 1.69
N SER A 318 -0.84 18.25 1.49
CA SER A 318 -1.85 18.90 2.33
C SER A 318 -1.99 18.22 3.69
N LEU A 319 -1.39 17.03 3.84
CA LEU A 319 -1.52 16.29 5.08
C LEU A 319 -0.47 16.60 6.12
N SER A 320 -0.81 16.37 7.40
CA SER A 320 0.13 16.44 8.50
C SER A 320 -0.30 15.37 9.48
N LYS A 321 0.46 15.22 10.58
CA LYS A 321 0.10 14.26 11.62
C LYS A 321 -1.29 14.50 12.21
N GLN A 322 -1.77 15.77 12.20
CA GLN A 322 -3.05 16.14 12.75
C GLN A 322 -4.22 15.55 11.99
N ASP A 323 -3.98 15.04 10.76
CA ASP A 323 -5.03 14.42 9.95
C ASP A 323 -5.11 12.92 10.24
N ILE A 324 -4.11 12.39 10.98
CA ILE A 324 -4.06 10.95 11.27
C ILE A 324 -4.63 10.68 12.64
N GLU A 325 -5.89 10.24 12.68
CA GLU A 325 -6.60 10.04 13.93
C GLU A 325 -7.02 8.60 14.16
N PHE A 326 -7.05 8.21 15.43
CA PHE A 326 -7.54 6.89 15.82
C PHE A 326 -8.54 7.03 16.96
N GLU A 327 -9.57 6.14 16.98
CA GLU A 327 -10.64 6.11 18.00
C GLU A 327 -10.50 4.85 18.84
N ILE A 329 -11.50 2.97 23.19
CA ILE A 329 -12.06 3.05 24.54
C ILE A 329 -10.87 3.35 25.49
N ALA A 330 -10.86 4.58 26.06
CA ALA A 330 -9.86 5.12 26.99
C ALA A 330 -8.41 4.98 26.50
N GLU A 340 -15.39 6.89 28.22
CA GLU A 340 -15.23 5.72 27.35
C GLU A 340 -14.39 6.07 26.09
N TRP A 341 -15.06 6.42 24.97
CA TRP A 341 -14.44 6.72 23.68
C TRP A 341 -13.63 8.00 23.64
N GLU A 342 -12.54 7.97 22.86
CA GLU A 342 -11.60 9.08 22.70
C GLU A 342 -10.98 9.04 21.31
N THR A 343 -10.94 10.19 20.62
CA THR A 343 -10.32 10.35 19.32
C THR A 343 -9.08 11.24 19.49
N LEU A 344 -7.91 10.71 19.14
CA LEU A 344 -6.67 11.47 19.19
C LEU A 344 -5.92 11.40 17.87
N ASN A 345 -5.26 12.50 17.49
CA ASN A 345 -4.38 12.48 16.33
C ASN A 345 -3.00 12.00 16.84
N ILE A 346 -2.20 11.42 15.96
CA ILE A 346 -0.88 10.88 16.33
C ILE A 346 0.11 11.88 16.96
N ARG A 347 0.01 13.16 16.58
CA ARG A 347 0.88 14.18 17.18
C ARG A 347 0.55 14.35 18.67
N GLU A 348 -0.74 14.32 19.05
CA GLU A 348 -1.15 14.40 20.47
C GLU A 348 -0.59 13.24 21.25
N MET A 349 -0.58 12.03 20.64
CA MET A 349 -0.02 10.86 21.28
C MET A 349 1.48 11.03 21.54
N GLU A 350 2.20 11.57 20.56
CA GLU A 350 3.65 11.81 20.63
C GLU A 350 3.97 12.81 21.74
N ILE A 351 3.21 13.92 21.78
CA ILE A 351 3.45 14.98 22.77
C ILE A 351 3.24 14.45 24.19
N LEU A 352 2.13 13.72 24.42
CA LEU A 352 1.84 13.11 25.72
C LEU A 352 2.95 12.12 26.13
N ALA A 353 3.50 11.36 25.16
CA ALA A 353 4.59 10.44 25.46
C ALA A 353 5.89 11.17 25.73
N GLU A 354 6.12 12.32 25.04
CA GLU A 354 7.32 13.14 25.24
C GLU A 354 7.26 13.81 26.60
N SER A 355 6.05 14.19 27.05
CA SER A 355 5.81 14.83 28.34
C SER A 355 6.08 13.87 29.47
N GLU A 356 5.57 12.61 29.34
CA GLU A 356 5.79 11.55 30.35
C GLU A 356 7.29 11.25 30.50
N TYR A 357 7.98 11.07 29.36
CA TYR A 357 9.42 10.81 29.28
C TYR A 357 10.21 11.93 29.95
N ARG A 358 9.91 13.21 29.62
CA ARG A 358 10.59 14.38 30.19
C ARG A 358 10.42 14.46 31.71
N GLU A 359 9.22 14.10 32.22
CA GLU A 359 8.89 14.07 33.65
C GLU A 359 9.65 12.90 34.32
N GLN A 360 9.77 11.76 33.61
CA GLN A 360 10.49 10.56 34.07
C GLN A 360 11.99 10.82 34.18
N GLN A 361 12.58 11.51 33.17
CA GLN A 361 14.00 11.84 33.15
C GLN A 361 14.38 12.92 34.16
N GLN A 362 13.39 13.75 34.58
CA GLN A 362 13.55 14.82 35.56
C GLN A 362 13.79 14.19 36.95
N ASN A 363 12.95 13.22 37.33
CA ASN A 363 13.05 12.48 38.60
C ASN A 363 14.23 11.50 38.56
#